data_8QID
#
_entry.id   8QID
#
_cell.length_a   76.281
_cell.length_b   125.363
_cell.length_c   119.062
_cell.angle_alpha   90.00
_cell.angle_beta   90.00
_cell.angle_gamma   90.00
#
_symmetry.space_group_name_H-M   'C 2 2 21'
#
loop_
_entity.id
_entity.type
_entity.pdbx_description
1 polymer 'Phosphopantetheine adenylyltransferase'
2 non-polymer '1-phenyl-5-(trifluoromethyl)pyrazole-4-carboxylic acid'
3 water water
#
_entity_poly.entity_id   1
_entity_poly.type   'polypeptide(L)'
_entity_poly.pdbx_seq_one_letter_code
;SMTGAVCPGSFDPVTLGHLDVFERAAAQFDEVIVAVLINPNKAGMFTVDERIEMIRESTADLPNLRVESGQGLLVDFVRE
RGLNAIVKGLRTGTDFEYELQMAQMNKHIAGVDTFFVATAPAYSFVSSSLAKEVATYGGDVSALLPASVHQRLLGKLRGQ
AQ
;
_entity_poly.pdbx_strand_id   A,B,C
#
# COMPACT_ATOMS: atom_id res chain seq x y z
N MET A 2 5.49 37.36 8.44
CA MET A 2 5.09 37.31 7.04
C MET A 2 5.09 35.87 6.54
N THR A 3 6.18 35.14 6.77
CA THR A 3 6.27 33.77 6.28
C THR A 3 5.40 32.85 7.13
N GLY A 4 4.94 31.77 6.52
CA GLY A 4 4.07 30.86 7.25
C GLY A 4 3.93 29.54 6.53
N ALA A 5 3.59 28.51 7.30
CA ALA A 5 3.39 27.19 6.73
C ALA A 5 2.29 26.46 7.48
N VAL A 6 1.65 25.54 6.77
CA VAL A 6 0.60 24.69 7.32
C VAL A 6 1.17 23.27 7.46
N CYS A 7 0.97 22.66 8.63
CA CYS A 7 1.34 21.27 8.86
CA CYS A 7 1.34 21.26 8.84
C CYS A 7 0.07 20.42 8.96
N PRO A 8 -0.29 19.67 7.92
CA PRO A 8 -1.58 18.97 7.90
C PRO A 8 -1.46 17.53 8.35
N GLY A 9 -2.59 16.96 8.75
CA GLY A 9 -2.65 15.55 9.06
C GLY A 9 -3.99 15.24 9.71
N SER A 10 -4.22 13.95 9.93
CA SER A 10 -5.40 13.55 10.69
CA SER A 10 -5.39 13.52 10.68
C SER A 10 -5.13 13.54 12.19
N PHE A 11 -3.90 13.32 12.59
CA PHE A 11 -3.46 13.43 13.97
C PHE A 11 -4.43 12.72 14.92
N ASP A 12 -4.60 11.42 14.68
CA ASP A 12 -5.50 10.57 15.42
C ASP A 12 -4.85 9.30 16.02
N PRO A 13 -3.95 9.43 16.99
CA PRO A 13 -3.61 10.75 17.51
C PRO A 13 -2.25 11.34 17.11
N VAL A 14 -1.96 12.58 17.50
CA VAL A 14 -0.63 13.13 17.24
C VAL A 14 0.43 12.25 17.89
N THR A 15 1.58 12.10 17.22
CA THR A 15 2.72 11.36 17.75
C THR A 15 3.92 12.27 18.01
N LEU A 16 4.94 11.70 18.67
CA LEU A 16 6.18 12.46 18.84
C LEU A 16 6.84 12.78 17.52
N GLY A 17 6.63 11.92 16.50
CA GLY A 17 7.15 12.24 15.18
C GLY A 17 6.50 13.49 14.61
N HIS A 18 5.18 13.62 14.77
CA HIS A 18 4.51 14.85 14.34
C HIS A 18 5.01 16.06 15.12
N LEU A 19 5.13 15.93 16.44
CA LEU A 19 5.55 17.07 17.25
C LEU A 19 6.93 17.56 16.82
N ASP A 20 7.83 16.63 16.48
CA ASP A 20 9.15 17.02 15.97
C ASP A 20 9.02 17.88 14.71
N VAL A 21 8.16 17.47 13.79
CA VAL A 21 7.91 18.26 12.58
C VAL A 21 7.36 19.64 12.94
N PHE A 22 6.36 19.70 13.83
CA PHE A 22 5.83 20.99 14.27
C PHE A 22 6.93 21.92 14.78
N GLU A 23 7.81 21.39 15.62
CA GLU A 23 8.85 22.21 16.22
C GLU A 23 9.83 22.71 15.18
N ARG A 24 10.15 21.86 14.21
CA ARG A 24 11.08 22.27 13.18
C ARG A 24 10.47 23.30 12.25
N ALA A 25 9.18 23.15 11.93
CA ALA A 25 8.51 24.17 11.12
C ALA A 25 8.41 25.48 11.88
N ALA A 26 8.06 25.41 13.17
CA ALA A 26 7.90 26.64 13.95
C ALA A 26 9.22 27.38 14.10
N ALA A 27 10.35 26.66 14.01
CA ALA A 27 11.65 27.31 14.11
C ALA A 27 12.05 28.04 12.83
N GLN A 28 11.43 27.72 11.71
CA GLN A 28 11.87 28.21 10.41
C GLN A 28 10.87 29.12 9.73
N PHE A 29 9.64 29.24 10.23
CA PHE A 29 8.60 30.06 9.63
CA PHE A 29 8.66 30.12 9.62
C PHE A 29 8.01 30.97 10.70
N ASP A 30 7.57 32.16 10.30
CA ASP A 30 7.08 33.10 11.32
C ASP A 30 5.83 32.56 12.02
N GLU A 31 4.96 31.87 11.28
CA GLU A 31 3.77 31.28 11.88
C GLU A 31 3.56 29.88 11.33
N VAL A 32 3.05 28.98 12.16
CA VAL A 32 2.69 27.65 11.73
C VAL A 32 1.27 27.35 12.15
N ILE A 33 0.47 26.82 11.24
CA ILE A 33 -0.87 26.34 11.55
C ILE A 33 -0.88 24.84 11.37
N VAL A 34 -1.23 24.13 12.43
CA VAL A 34 -1.44 22.69 12.36
C VAL A 34 -2.87 22.48 11.89
N ALA A 35 -3.05 21.80 10.77
CA ALA A 35 -4.37 21.63 10.18
C ALA A 35 -4.84 20.21 10.48
N VAL A 36 -5.85 20.07 11.33
CA VAL A 36 -6.41 18.77 11.67
C VAL A 36 -7.51 18.50 10.65
N LEU A 37 -7.22 17.64 9.67
CA LEU A 37 -8.12 17.38 8.56
C LEU A 37 -9.03 16.21 8.92
N ILE A 38 -10.33 16.46 8.94
CA ILE A 38 -11.35 15.52 9.40
C ILE A 38 -12.06 14.95 8.19
N ASN A 39 -12.29 13.63 8.20
CA ASN A 39 -13.13 13.03 7.17
C ASN A 39 -14.54 12.96 7.73
N PRO A 40 -15.48 13.77 7.22
CA PRO A 40 -16.84 13.76 7.79
C PRO A 40 -17.56 12.44 7.61
N ASN A 41 -17.02 11.53 6.79
CA ASN A 41 -17.65 10.25 6.47
C ASN A 41 -17.06 9.07 7.22
N LYS A 42 -15.94 9.24 7.93
CA LYS A 42 -15.42 8.15 8.75
C LYS A 42 -14.86 8.74 10.04
N ALA A 43 -15.48 8.37 11.15
CA ALA A 43 -14.94 8.76 12.45
C ALA A 43 -13.64 8.02 12.69
N GLY A 44 -12.68 8.71 13.28
CA GLY A 44 -11.46 8.09 13.76
C GLY A 44 -11.63 7.64 15.19
N MET A 45 -10.50 7.45 15.86
CA MET A 45 -10.56 7.06 17.26
C MET A 45 -10.92 8.25 18.15
N PHE A 46 -10.38 9.43 17.86
CA PHE A 46 -10.57 10.61 18.66
C PHE A 46 -11.45 11.61 17.92
N THR A 47 -12.31 12.32 18.66
CA THR A 47 -13.07 13.40 18.07
C THR A 47 -12.15 14.56 17.71
N VAL A 48 -12.69 15.49 16.92
CA VAL A 48 -11.92 16.65 16.50
CA VAL A 48 -11.92 16.65 16.49
C VAL A 48 -11.44 17.45 17.70
N ASP A 49 -12.32 17.67 18.68
CA ASP A 49 -11.87 18.45 19.82
C ASP A 49 -10.82 17.73 20.64
N GLU A 50 -10.92 16.40 20.74
CA GLU A 50 -9.88 15.65 21.43
C GLU A 50 -8.54 15.76 20.71
N ARG A 51 -8.55 15.69 19.38
CA ARG A 51 -7.29 15.78 18.64
C ARG A 51 -6.63 17.13 18.84
N ILE A 52 -7.43 18.21 18.79
CA ILE A 52 -6.88 19.55 18.96
C ILE A 52 -6.30 19.73 20.35
N GLU A 53 -7.02 19.25 21.37
CA GLU A 53 -6.51 19.44 22.72
C GLU A 53 -5.23 18.67 22.96
N MET A 54 -5.10 17.47 22.39
CA MET A 54 -3.85 16.72 22.55
C MET A 54 -2.69 17.45 21.87
N ILE A 55 -2.95 18.10 20.73
CA ILE A 55 -1.88 18.84 20.10
C ILE A 55 -1.55 20.10 20.88
N ARG A 56 -2.57 20.84 21.31
CA ARG A 56 -2.31 22.08 22.03
C ARG A 56 -1.52 21.84 23.30
N GLU A 57 -1.87 20.79 24.03
CA GLU A 57 -1.18 20.49 25.29
C GLU A 57 0.30 20.18 25.10
N SER A 58 0.69 19.59 23.97
CA SER A 58 2.08 19.25 23.74
C SER A 58 2.82 20.26 22.88
N THR A 59 2.18 21.38 22.51
CA THR A 59 2.85 22.45 21.77
C THR A 59 2.80 23.78 22.52
N ALA A 60 2.61 23.75 23.83
CA ALA A 60 2.39 24.99 24.57
C ALA A 60 3.62 25.89 24.56
N ASP A 61 4.80 25.33 24.34
CA ASP A 61 6.05 26.07 24.31
C ASP A 61 6.39 26.62 22.91
N LEU A 62 5.47 26.50 21.94
CA LEU A 62 5.68 27.02 20.60
C LEU A 62 4.76 28.21 20.37
N PRO A 63 5.22 29.43 20.66
CA PRO A 63 4.29 30.58 20.66
C PRO A 63 3.76 30.97 19.30
N ASN A 64 4.42 30.58 18.21
CA ASN A 64 3.99 30.97 16.87
C ASN A 64 3.22 29.87 16.16
N LEU A 65 2.73 28.87 16.90
CA LEU A 65 1.97 27.77 16.33
C LEU A 65 0.52 27.82 16.83
N ARG A 66 -0.43 27.61 15.92
CA ARG A 66 -1.82 27.45 16.31
C ARG A 66 -2.42 26.23 15.62
N VAL A 67 -3.56 25.79 16.14
CA VAL A 67 -4.16 24.51 15.73
C VAL A 67 -5.60 24.78 15.28
N GLU A 68 -5.96 24.30 14.08
CA GLU A 68 -7.29 24.49 13.53
C GLU A 68 -7.69 23.25 12.73
N SER A 69 -8.97 22.91 12.75
CA SER A 69 -9.44 21.78 11.97
C SER A 69 -10.01 22.25 10.63
N GLY A 70 -10.16 21.30 9.71
CA GLY A 70 -10.74 21.60 8.42
C GLY A 70 -11.08 20.31 7.70
N GLN A 71 -11.63 20.46 6.49
CA GLN A 71 -11.98 19.32 5.65
C GLN A 71 -11.94 19.78 4.20
N GLY A 72 -12.06 18.83 3.28
CA GLY A 72 -12.00 19.19 1.87
C GLY A 72 -10.56 19.33 1.40
N LEU A 73 -10.35 20.23 0.42
CA LEU A 73 -9.04 20.39 -0.20
C LEU A 73 -8.09 21.13 0.73
N LEU A 74 -6.94 20.51 1.03
CA LEU A 74 -5.93 21.18 1.85
C LEU A 74 -5.52 22.53 1.26
N VAL A 75 -5.38 22.62 -0.07
CA VAL A 75 -4.91 23.88 -0.66
C VAL A 75 -5.87 25.02 -0.37
N ASP A 76 -7.17 24.73 -0.22
CA ASP A 76 -8.12 25.79 0.15
C ASP A 76 -7.90 26.26 1.57
N PHE A 77 -7.69 25.33 2.51
CA PHE A 77 -7.32 25.69 3.88
C PHE A 77 -6.09 26.59 3.89
N VAL A 78 -5.08 26.22 3.10
CA VAL A 78 -3.83 26.98 3.08
C VAL A 78 -4.08 28.39 2.54
N ARG A 79 -4.70 28.48 1.36
CA ARG A 79 -4.83 29.78 0.71
C ARG A 79 -5.80 30.71 1.43
N GLU A 80 -6.84 30.15 2.06
CA GLU A 80 -7.78 30.98 2.84
C GLU A 80 -7.10 31.69 4.01
N ARG A 81 -5.93 31.21 4.45
CA ARG A 81 -5.18 31.85 5.51
C ARG A 81 -4.07 32.73 4.96
N GLY A 82 -4.06 32.96 3.65
CA GLY A 82 -3.06 33.81 3.04
C GLY A 82 -1.70 33.18 2.91
N LEU A 83 -1.63 31.86 2.99
CA LEU A 83 -0.36 31.17 2.96
C LEU A 83 -0.21 30.40 1.65
N ASN A 84 1.01 29.89 1.45
CA ASN A 84 1.32 29.22 0.20
C ASN A 84 2.24 28.01 0.39
N ALA A 85 2.37 27.47 1.60
CA ALA A 85 3.35 26.42 1.87
C ALA A 85 2.77 25.39 2.84
N ILE A 86 3.04 24.13 2.56
CA ILE A 86 2.72 22.98 3.40
C ILE A 86 4.04 22.40 3.85
N VAL A 87 4.13 22.00 5.12
CA VAL A 87 5.30 21.30 5.64
C VAL A 87 4.86 19.93 6.15
N LYS A 88 5.53 18.87 5.70
CA LYS A 88 5.16 17.50 6.04
C LYS A 88 6.42 16.71 6.37
N GLY A 89 6.33 15.82 7.35
CA GLY A 89 7.43 14.89 7.61
C GLY A 89 7.40 13.68 6.67
N LEU A 90 8.58 13.14 6.39
CA LEU A 90 8.71 11.96 5.56
C LEU A 90 9.67 10.97 6.17
N ARG A 91 9.29 9.69 6.11
N ARG A 91 9.32 9.68 6.13
CA ARG A 91 10.04 8.57 6.67
CA ARG A 91 10.16 8.64 6.69
C ARG A 91 10.94 7.90 5.63
C ARG A 91 10.96 7.86 5.63
N THR A 92 10.37 7.51 4.50
CA THR A 92 11.05 6.66 3.51
C THR A 92 10.95 7.25 2.12
N GLY A 93 11.72 6.65 1.20
CA GLY A 93 11.52 6.92 -0.21
C GLY A 93 10.12 6.58 -0.69
N THR A 94 9.51 5.53 -0.11
CA THR A 94 8.12 5.19 -0.42
C THR A 94 7.18 6.31 -0.01
N ASP A 95 7.37 6.85 1.20
CA ASP A 95 6.64 8.06 1.59
C ASP A 95 6.78 9.16 0.55
N PHE A 96 7.99 9.39 0.08
CA PHE A 96 8.24 10.45 -0.86
C PHE A 96 7.50 10.32 -2.21
N GLU A 97 7.43 9.13 -2.80
CA GLU A 97 6.71 8.97 -4.08
C GLU A 97 5.22 9.25 -4.01
N TYR A 98 4.61 8.84 -2.92
CA TYR A 98 3.21 9.05 -2.75
C TYR A 98 2.95 10.54 -2.48
N GLU A 99 3.68 11.08 -1.55
CA GLU A 99 3.50 12.48 -1.20
C GLU A 99 3.92 13.38 -2.34
N LEU A 100 4.85 12.93 -3.17
CA LEU A 100 5.24 13.73 -4.33
C LEU A 100 4.08 13.91 -5.29
N GLN A 101 3.31 12.84 -5.53
CA GLN A 101 2.10 12.94 -6.35
C GLN A 101 1.18 14.04 -5.83
N MET A 102 0.86 13.99 -4.53
CA MET A 102 -0.05 14.99 -3.98
C MET A 102 0.56 16.39 -4.01
N ALA A 103 1.87 16.50 -3.74
CA ALA A 103 2.49 17.83 -3.74
C ALA A 103 2.48 18.44 -5.13
N GLN A 104 2.72 17.65 -6.16
CA GLN A 104 2.71 18.20 -7.50
C GLN A 104 1.29 18.55 -7.92
N MET A 105 0.31 17.75 -7.52
CA MET A 105 -1.08 18.11 -7.81
C MET A 105 -1.46 19.41 -7.12
N ASN A 106 -1.08 19.56 -5.85
CA ASN A 106 -1.41 20.76 -5.09
C ASN A 106 -0.76 21.99 -5.70
N LYS A 107 0.48 21.85 -6.20
N LYS A 107 0.47 21.85 -6.21
CA LYS A 107 1.12 22.95 -6.88
CA LYS A 107 1.09 22.98 -6.88
C LYS A 107 0.39 23.26 -8.19
C LYS A 107 0.40 23.27 -8.21
N HIS A 108 -0.03 22.21 -8.91
CA HIS A 108 -0.71 22.40 -10.19
C HIS A 108 -2.04 23.13 -10.00
N ILE A 109 -2.86 22.69 -9.04
CA ILE A 109 -4.21 23.25 -8.97
C ILE A 109 -4.29 24.56 -8.19
N ALA A 110 -3.30 24.88 -7.36
CA ALA A 110 -3.44 26.05 -6.51
C ALA A 110 -2.15 26.84 -6.29
N GLY A 111 -1.02 26.40 -6.84
CA GLY A 111 0.20 27.14 -6.63
C GLY A 111 0.82 26.97 -5.27
N VAL A 112 0.32 26.05 -4.46
CA VAL A 112 0.84 25.84 -3.10
C VAL A 112 2.05 24.92 -3.18
N ASP A 113 3.15 25.32 -2.51
CA ASP A 113 4.38 24.56 -2.41
C ASP A 113 4.33 23.61 -1.21
N THR A 114 5.11 22.53 -1.29
CA THR A 114 5.22 21.60 -0.17
C THR A 114 6.69 21.41 0.15
N PHE A 115 7.03 21.56 1.43
CA PHE A 115 8.37 21.31 1.93
C PHE A 115 8.34 20.06 2.81
N PHE A 116 9.18 19.10 2.50
CA PHE A 116 9.26 17.86 3.27
C PHE A 116 10.47 17.89 4.20
N VAL A 117 10.30 17.29 5.37
CA VAL A 117 11.39 17.23 6.34
CA VAL A 117 11.34 17.24 6.40
C VAL A 117 11.57 15.78 6.79
N ALA A 118 12.84 15.38 6.90
CA ALA A 118 13.15 14.02 7.28
C ALA A 118 12.80 13.80 8.75
N THR A 119 12.10 12.70 9.02
CA THR A 119 11.81 12.29 10.38
C THR A 119 13.08 12.30 11.25
N ALA A 120 12.92 12.65 12.52
CA ALA A 120 13.98 12.36 13.49
C ALA A 120 14.20 10.86 13.53
N PRO A 121 15.44 10.39 13.58
CA PRO A 121 15.67 8.92 13.56
C PRO A 121 14.89 8.15 14.61
N ALA A 122 14.78 8.67 15.84
CA ALA A 122 14.13 7.94 16.93
C ALA A 122 12.67 7.65 16.65
N TYR A 123 12.02 8.40 15.77
CA TYR A 123 10.61 8.22 15.46
C TYR A 123 10.39 7.64 14.07
N SER A 124 11.42 7.11 13.43
CA SER A 124 11.24 6.61 12.07
C SER A 124 10.12 5.58 11.99
N PHE A 125 9.79 4.91 13.09
CA PHE A 125 8.87 3.79 13.01
C PHE A 125 7.51 4.05 13.65
N VAL A 126 7.27 5.23 14.23
CA VAL A 126 5.96 5.47 14.84
C VAL A 126 5.03 6.05 13.79
N SER A 127 3.81 5.54 13.78
CA SER A 127 2.72 6.11 13.01
C SER A 127 1.50 6.06 13.90
N SER A 128 0.55 6.97 13.68
CA SER A 128 -0.68 6.90 14.46
C SER A 128 -1.33 5.53 14.34
N SER A 129 -1.38 4.99 13.12
CA SER A 129 -2.09 3.72 12.92
CA SER A 129 -2.09 3.73 12.93
C SER A 129 -1.38 2.57 13.64
N LEU A 130 -0.05 2.53 13.56
CA LEU A 130 0.65 1.40 14.18
C LEU A 130 0.65 1.51 15.69
N ALA A 131 0.76 2.73 16.22
CA ALA A 131 0.67 2.91 17.66
C ALA A 131 -0.70 2.51 18.17
N LYS A 132 -1.77 2.85 17.43
CA LYS A 132 -3.10 2.40 17.83
C LYS A 132 -3.21 0.88 17.77
N GLU A 133 -2.70 0.27 16.70
CA GLU A 133 -2.80 -1.19 16.59
C GLU A 133 -2.01 -1.89 17.69
N VAL A 134 -0.80 -1.43 17.99
CA VAL A 134 -0.02 -2.05 19.06
C VAL A 134 -0.70 -1.87 20.41
N ALA A 135 -1.20 -0.66 20.69
CA ALA A 135 -1.86 -0.42 21.97
C ALA A 135 -3.11 -1.28 22.10
N THR A 136 -3.82 -1.51 21.00
CA THR A 136 -5.06 -2.30 21.04
C THR A 136 -4.78 -3.68 21.60
N TYR A 137 -3.65 -4.27 21.20
CA TYR A 137 -3.26 -5.59 21.67
C TYR A 137 -2.32 -5.54 22.86
N GLY A 138 -2.22 -4.39 23.54
CA GLY A 138 -1.54 -4.31 24.81
C GLY A 138 -0.06 -3.99 24.81
N GLY A 139 0.53 -3.66 23.66
CA GLY A 139 1.93 -3.27 23.66
C GLY A 139 2.14 -1.88 24.22
N ASP A 140 3.35 -1.64 24.75
CA ASP A 140 3.67 -0.38 25.43
C ASP A 140 4.20 0.64 24.43
N VAL A 141 3.43 1.69 24.17
CA VAL A 141 3.78 2.74 23.23
C VAL A 141 3.98 4.09 23.92
N SER A 142 4.21 4.09 25.23
CA SER A 142 4.28 5.34 25.98
C SER A 142 5.43 6.24 25.52
N ALA A 143 6.50 5.67 24.96
CA ALA A 143 7.65 6.48 24.58
C ALA A 143 7.52 7.04 23.17
N LEU A 144 6.41 6.78 22.48
CA LEU A 144 6.23 7.22 21.11
C LEU A 144 5.21 8.32 20.98
N LEU A 145 4.47 8.59 22.06
CA LEU A 145 3.38 9.54 22.11
C LEU A 145 3.65 10.54 23.21
N PRO A 146 3.23 11.79 23.03
CA PRO A 146 3.32 12.76 24.12
C PRO A 146 2.49 12.31 25.31
N ALA A 147 2.83 12.88 26.48
CA ALA A 147 2.02 12.64 27.66
C ALA A 147 0.55 12.99 27.43
N SER A 148 0.29 13.99 26.61
CA SER A 148 -1.05 14.40 26.35
C SER A 148 -1.90 13.34 25.69
N VAL A 149 -1.27 12.33 25.12
CA VAL A 149 -1.98 11.29 24.42
C VAL A 149 -2.12 9.92 25.05
N HIS A 150 -1.04 9.42 25.59
CA HIS A 150 -0.96 8.05 26.07
C HIS A 150 -2.10 7.53 26.89
N GLN A 151 -2.40 8.20 27.97
CA GLN A 151 -3.46 7.66 28.81
C GLN A 151 -4.84 7.90 28.21
N ARG A 152 -5.02 8.94 27.41
CA ARG A 152 -6.29 9.12 26.74
C ARG A 152 -6.50 8.02 25.74
N LEU A 153 -5.42 7.58 25.10
CA LEU A 153 -5.50 6.43 24.18
C LEU A 153 -5.90 5.16 24.93
N LEU A 154 -5.25 4.89 26.06
CA LEU A 154 -5.60 3.68 26.79
C LEU A 154 -7.05 3.73 27.27
N GLY A 155 -7.52 4.92 27.66
CA GLY A 155 -8.92 5.09 28.00
C GLY A 155 -9.86 4.78 26.85
N LYS A 156 -9.56 5.27 25.64
CA LYS A 156 -10.37 4.92 24.49
C LYS A 156 -10.46 3.42 24.29
N LEU A 157 -9.33 2.72 24.47
CA LEU A 157 -9.32 1.29 24.21
C LEU A 157 -10.07 0.52 25.29
N ARG A 158 -10.09 1.02 26.51
CA ARG A 158 -10.85 0.38 27.58
C ARG A 158 -12.24 1.00 27.72
N MET B 2 20.28 -22.94 23.44
CA MET B 2 19.13 -23.23 22.61
C MET B 2 18.62 -21.96 21.90
N THR B 3 19.00 -21.81 20.64
CA THR B 3 18.56 -20.70 19.80
C THR B 3 17.21 -21.03 19.19
N GLY B 4 16.49 -20.00 18.75
CA GLY B 4 15.19 -20.25 18.15
C GLY B 4 14.58 -19.00 17.58
N ALA B 5 13.61 -19.21 16.70
CA ALA B 5 12.92 -18.09 16.04
C ALA B 5 11.51 -18.48 15.69
N VAL B 6 10.66 -17.47 15.54
CA VAL B 6 9.26 -17.63 15.14
C VAL B 6 9.10 -17.13 13.72
N CYS B 7 8.40 -17.89 12.90
CA CYS B 7 8.10 -17.50 11.53
CA CYS B 7 8.10 -17.51 11.51
C CYS B 7 6.62 -17.21 11.41
N PRO B 8 6.20 -15.96 11.41
CA PRO B 8 4.77 -15.62 11.44
C PRO B 8 4.15 -15.43 10.07
N GLY B 9 2.85 -15.62 10.01
CA GLY B 9 2.13 -15.28 8.80
C GLY B 9 0.71 -15.80 8.85
N SER B 10 -0.05 -15.41 7.82
CA SER B 10 -1.39 -15.97 7.68
C SER B 10 -1.38 -17.30 6.92
N PHE B 11 -0.46 -17.50 5.98
CA PHE B 11 -0.27 -18.76 5.25
C PHE B 11 -1.61 -19.34 4.77
N ASP B 12 -2.30 -18.56 3.94
CA ASP B 12 -3.61 -18.92 3.44
C ASP B 12 -3.69 -18.95 1.92
N PRO B 13 -3.07 -19.92 1.28
CA PRO B 13 -2.32 -21.05 1.86
C PRO B 13 -0.81 -20.84 1.89
N VAL B 14 -0.09 -21.75 2.54
CA VAL B 14 1.37 -21.72 2.46
C VAL B 14 1.80 -21.88 1.01
N THR B 15 2.84 -21.15 0.62
CA THR B 15 3.40 -21.23 -0.72
C THR B 15 4.81 -21.85 -0.66
N LEU B 16 5.37 -22.15 -1.83
CA LEU B 16 6.76 -22.61 -1.85
C LEU B 16 7.72 -21.51 -1.42
N GLY B 17 7.34 -20.25 -1.55
CA GLY B 17 8.16 -19.18 -1.00
C GLY B 17 8.24 -19.25 0.51
N HIS B 18 7.10 -19.46 1.16
CA HIS B 18 7.11 -19.62 2.61
C HIS B 18 7.96 -20.82 3.01
N LEU B 19 7.78 -21.94 2.32
CA LEU B 19 8.48 -23.15 2.70
CA LEU B 19 8.49 -23.16 2.67
C LEU B 19 10.00 -22.96 2.59
N ASP B 20 10.44 -22.24 1.57
CA ASP B 20 11.87 -21.95 1.45
C ASP B 20 12.36 -21.19 2.66
N VAL B 21 11.57 -20.23 3.16
CA VAL B 21 11.95 -19.50 4.37
C VAL B 21 12.00 -20.44 5.57
N PHE B 22 10.98 -21.29 5.73
CA PHE B 22 10.97 -22.22 6.85
C PHE B 22 12.21 -23.10 6.85
N GLU B 23 12.57 -23.62 5.69
CA GLU B 23 13.72 -24.52 5.59
C GLU B 23 15.00 -23.80 5.95
N ARG B 24 15.13 -22.55 5.51
CA ARG B 24 16.35 -21.81 5.82
CA ARG B 24 16.34 -21.80 5.83
C ARG B 24 16.41 -21.45 7.30
N ALA B 25 15.27 -21.12 7.90
CA ALA B 25 15.27 -20.84 9.32
C ALA B 25 15.59 -22.10 10.12
N ALA B 26 14.99 -23.23 9.74
CA ALA B 26 15.23 -24.46 10.48
C ALA B 26 16.66 -24.94 10.35
N ALA B 27 17.34 -24.56 9.27
CA ALA B 27 18.75 -24.93 9.12
C ALA B 27 19.68 -24.10 9.99
N GLN B 28 19.22 -22.95 10.51
CA GLN B 28 20.12 -22.03 11.24
C GLN B 28 19.77 -21.81 12.70
N PHE B 29 18.58 -22.22 13.15
CA PHE B 29 18.16 -22.07 14.54
C PHE B 29 17.84 -23.45 15.12
N ASP B 30 18.08 -23.63 16.42
CA ASP B 30 17.83 -24.93 17.02
C ASP B 30 16.35 -25.28 17.00
N GLU B 31 15.50 -24.29 17.09
CA GLU B 31 14.06 -24.48 17.08
C GLU B 31 13.36 -23.40 16.27
N VAL B 32 12.38 -23.76 15.49
CA VAL B 32 11.57 -22.80 14.75
C VAL B 32 10.11 -23.09 15.02
N ILE B 33 9.34 -22.05 15.33
CA ILE B 33 7.90 -22.17 15.48
C ILE B 33 7.26 -21.37 14.36
N VAL B 34 6.42 -22.03 13.56
CA VAL B 34 5.64 -21.32 12.56
C VAL B 34 4.34 -20.89 13.24
N ALA B 35 4.06 -19.57 13.22
CA ALA B 35 2.90 -19.01 13.90
C ALA B 35 1.83 -18.65 12.85
N VAL B 36 0.72 -19.40 12.86
CA VAL B 36 -0.36 -19.20 11.90
C VAL B 36 -1.33 -18.20 12.51
N LEU B 37 -1.34 -16.98 11.99
CA LEU B 37 -1.97 -15.85 12.67
C LEU B 37 -3.45 -15.83 12.35
N ILE B 38 -4.29 -16.12 13.34
CA ILE B 38 -5.73 -16.07 13.16
C ILE B 38 -6.20 -14.63 13.33
N ASN B 39 -7.09 -14.20 12.44
CA ASN B 39 -7.66 -12.85 12.48
C ASN B 39 -9.18 -12.94 12.63
N PRO B 40 -9.70 -12.57 13.78
CA PRO B 40 -11.12 -12.67 14.07
C PRO B 40 -11.99 -11.90 13.10
N ASN B 41 -11.38 -11.06 12.28
CA ASN B 41 -12.15 -10.29 11.34
C ASN B 41 -12.15 -10.97 9.99
N LYS B 42 -11.03 -10.79 9.31
CA LYS B 42 -10.78 -11.30 7.97
C LYS B 42 -10.59 -12.78 7.91
N ALA B 43 -11.63 -13.54 7.64
CA ALA B 43 -11.37 -14.98 7.56
C ALA B 43 -11.21 -15.35 6.08
N GLY B 44 -10.02 -15.84 5.73
CA GLY B 44 -9.71 -16.14 4.34
C GLY B 44 -10.32 -17.43 3.82
N MET B 45 -9.57 -18.12 2.98
CA MET B 45 -10.08 -19.28 2.28
C MET B 45 -10.01 -20.56 3.10
N PHE B 46 -8.97 -20.71 3.92
CA PHE B 46 -8.74 -21.92 4.68
C PHE B 46 -8.88 -21.66 6.17
N THR B 47 -9.46 -22.62 6.91
CA THR B 47 -9.51 -22.47 8.35
C THR B 47 -8.11 -22.58 8.93
N VAL B 48 -7.95 -22.11 10.18
CA VAL B 48 -6.65 -22.19 10.83
C VAL B 48 -6.15 -23.63 10.86
N ASP B 49 -7.03 -24.58 11.19
CA ASP B 49 -6.59 -25.96 11.29
C ASP B 49 -6.18 -26.51 9.93
N GLU B 50 -6.91 -26.12 8.88
CA GLU B 50 -6.50 -26.52 7.53
C GLU B 50 -5.13 -25.95 7.17
N ARG B 51 -4.90 -24.69 7.53
CA ARG B 51 -3.59 -24.08 7.25
CA ARG B 51 -3.61 -24.07 7.25
C ARG B 51 -2.48 -24.77 8.01
N ILE B 52 -2.72 -25.10 9.28
CA ILE B 52 -1.70 -25.81 10.07
C ILE B 52 -1.40 -27.17 9.45
N GLU B 53 -2.42 -27.89 9.02
CA GLU B 53 -2.17 -29.21 8.46
C GLU B 53 -1.44 -29.13 7.13
N MET B 54 -1.69 -28.09 6.34
CA MET B 54 -0.95 -27.94 5.10
C MET B 54 0.52 -27.63 5.38
N ILE B 55 0.80 -26.83 6.40
CA ILE B 55 2.20 -26.53 6.71
C ILE B 55 2.90 -27.77 7.27
N ARG B 56 2.24 -28.51 8.14
CA ARG B 56 2.83 -29.74 8.71
C ARG B 56 3.14 -30.75 7.61
N GLU B 57 2.25 -30.90 6.64
CA GLU B 57 2.54 -31.81 5.54
C GLU B 57 3.78 -31.37 4.77
N SER B 58 3.89 -30.08 4.47
CA SER B 58 5.02 -29.62 3.68
C SER B 58 6.32 -29.51 4.47
N THR B 59 6.27 -29.51 5.80
CA THR B 59 7.47 -29.44 6.64
C THR B 59 7.79 -30.75 7.34
N ALA B 60 7.33 -31.87 6.80
CA ALA B 60 7.48 -33.13 7.50
C ALA B 60 8.94 -33.50 7.73
N ASP B 61 9.86 -33.03 6.89
CA ASP B 61 11.28 -33.35 7.01
CA ASP B 61 11.27 -33.34 7.01
C ASP B 61 12.04 -32.35 7.88
N LEU B 62 11.34 -31.44 8.56
CA LEU B 62 11.99 -30.45 9.43
C LEU B 62 11.68 -30.80 10.89
N PRO B 63 12.51 -31.60 11.55
CA PRO B 63 12.12 -32.07 12.89
C PRO B 63 12.16 -31.00 13.96
N ASN B 64 12.93 -29.94 13.77
N ASN B 64 12.93 -29.94 13.78
CA ASN B 64 13.06 -28.87 14.75
CA ASN B 64 13.03 -28.88 14.78
C ASN B 64 12.09 -27.71 14.48
C ASN B 64 12.08 -27.72 14.51
N LEU B 65 11.13 -27.90 13.59
CA LEU B 65 10.11 -26.91 13.30
C LEU B 65 8.76 -27.45 13.71
N ARG B 66 7.98 -26.64 14.42
CA ARG B 66 6.62 -27.01 14.73
C ARG B 66 5.70 -25.84 14.41
N VAL B 67 4.41 -26.14 14.31
CA VAL B 67 3.41 -25.21 13.79
C VAL B 67 2.34 -25.03 14.85
N GLU B 68 2.00 -23.77 15.15
CA GLU B 68 0.97 -23.46 16.14
C GLU B 68 0.19 -22.23 15.68
N SER B 69 -1.05 -22.14 16.12
CA SER B 69 -1.84 -20.94 15.84
C SER B 69 -1.55 -19.87 16.88
N GLY B 70 -1.77 -18.63 16.49
CA GLY B 70 -1.51 -17.52 17.37
C GLY B 70 -2.53 -16.43 17.14
N GLN B 71 -2.71 -15.62 18.18
CA GLN B 71 -3.64 -14.51 18.11
C GLN B 71 -3.07 -13.36 18.92
N GLY B 72 -3.42 -12.14 18.53
CA GLY B 72 -2.98 -10.98 19.28
C GLY B 72 -1.58 -10.53 18.87
N LEU B 73 -0.87 -9.99 19.85
CA LEU B 73 0.40 -9.33 19.59
C LEU B 73 1.50 -10.36 19.38
N LEU B 74 2.21 -10.25 18.26
CA LEU B 74 3.20 -11.28 17.92
C LEU B 74 4.32 -11.35 18.95
N VAL B 75 4.79 -10.21 19.46
CA VAL B 75 5.90 -10.27 20.39
C VAL B 75 5.52 -10.94 21.71
N ASP B 76 4.23 -11.00 22.05
CA ASP B 76 3.83 -11.80 23.20
C ASP B 76 3.93 -13.29 22.88
N PHE B 77 3.42 -13.68 21.71
CA PHE B 77 3.56 -15.06 21.26
C PHE B 77 5.01 -15.51 21.31
N VAL B 78 5.91 -14.67 20.80
CA VAL B 78 7.33 -15.02 20.78
C VAL B 78 7.86 -15.15 22.19
N ARG B 79 7.60 -14.17 23.04
N ARG B 79 7.60 -14.15 23.02
CA ARG B 79 8.20 -14.17 24.37
CA ARG B 79 8.15 -14.11 24.39
CA ARG B 79 9.19 -13.95 25.10
C ARG B 79 7.56 -15.18 25.31
C ARG B 79 7.58 -15.26 25.23
N GLU B 80 6.30 -15.55 25.08
CA GLU B 80 5.67 -16.58 25.90
C GLU B 80 6.26 -17.96 25.64
N ARG B 81 6.98 -18.12 24.54
CA ARG B 81 7.65 -19.38 24.20
C ARG B 81 9.15 -19.33 24.48
N GLY B 82 9.60 -18.30 25.20
CA GLY B 82 10.99 -18.23 25.61
C GLY B 82 11.93 -17.85 24.51
N LEU B 83 11.42 -17.29 23.42
CA LEU B 83 12.21 -16.89 22.28
C LEU B 83 12.23 -15.37 22.19
N ASN B 84 13.09 -14.85 21.32
CA ASN B 84 13.11 -13.40 21.14
CA ASN B 84 13.30 -13.42 21.19
C ASN B 84 13.62 -13.04 19.75
N ALA B 85 13.27 -13.86 18.77
CA ALA B 85 13.60 -13.59 17.37
C ALA B 85 12.46 -14.02 16.46
N ILE B 86 12.23 -13.22 15.43
CA ILE B 86 11.30 -13.49 14.34
C ILE B 86 12.11 -13.63 13.06
N VAL B 87 11.73 -14.56 12.17
CA VAL B 87 12.34 -14.70 10.86
CA VAL B 87 12.34 -14.67 10.86
C VAL B 87 11.24 -14.54 9.81
N LYS B 88 11.46 -13.67 8.83
CA LYS B 88 10.48 -13.41 7.78
C LYS B 88 11.17 -13.31 6.43
N GLY B 89 10.49 -13.74 5.38
CA GLY B 89 11.02 -13.61 4.04
C GLY B 89 10.68 -12.24 3.47
N LEU B 90 11.57 -11.75 2.61
CA LEU B 90 11.36 -10.49 1.91
C LEU B 90 11.55 -10.67 0.42
N ARG B 91 10.69 -10.03 -0.37
CA ARG B 91 10.79 -10.06 -1.82
C ARG B 91 11.37 -8.80 -2.43
N THR B 92 10.98 -7.61 -1.95
CA THR B 92 11.32 -6.36 -2.61
C THR B 92 11.77 -5.32 -1.58
N GLY B 93 12.26 -4.20 -2.12
CA GLY B 93 12.61 -3.07 -1.27
C GLY B 93 11.43 -2.46 -0.53
N THR B 94 10.23 -2.53 -1.12
CA THR B 94 9.07 -1.99 -0.40
C THR B 94 8.59 -2.98 0.66
N ASP B 95 8.72 -4.29 0.41
CA ASP B 95 8.61 -5.27 1.49
C ASP B 95 9.43 -4.82 2.69
N PHE B 96 10.70 -4.53 2.46
CA PHE B 96 11.57 -4.12 3.53
C PHE B 96 11.04 -2.89 4.32
N GLU B 97 10.52 -1.87 3.62
CA GLU B 97 10.04 -0.61 4.21
C GLU B 97 8.97 -0.73 5.26
N TYR B 98 7.91 -1.41 4.93
CA TYR B 98 6.85 -1.62 5.84
C TYR B 98 7.27 -2.61 6.93
N GLU B 99 7.93 -3.66 6.52
CA GLU B 99 8.42 -4.62 7.51
C GLU B 99 9.46 -4.00 8.41
N LEU B 100 10.24 -3.03 7.92
CA LEU B 100 11.25 -2.40 8.78
C LEU B 100 10.58 -1.65 9.92
N GLN B 101 9.49 -0.94 9.62
CA GLN B 101 8.76 -0.23 10.66
C GLN B 101 8.27 -1.19 11.72
N MET B 102 7.64 -2.30 11.31
CA MET B 102 7.16 -3.28 12.28
C MET B 102 8.31 -3.89 13.08
N ALA B 103 9.45 -4.16 12.44
CA ALA B 103 10.56 -4.77 13.18
C ALA B 103 11.12 -3.82 14.22
N GLN B 104 11.25 -2.54 13.88
CA GLN B 104 11.74 -1.57 14.85
C GLN B 104 10.76 -1.39 16.00
N MET B 105 9.46 -1.40 15.68
CA MET B 105 8.43 -1.35 16.71
C MET B 105 8.51 -2.56 17.62
N ASN B 106 8.63 -3.76 17.04
CA ASN B 106 8.70 -4.97 17.86
C ASN B 106 9.95 -5.00 18.73
N LYS B 107 11.07 -4.50 18.22
CA LYS B 107 12.28 -4.42 19.03
C LYS B 107 12.10 -3.43 20.18
N HIS B 108 11.44 -2.30 19.92
CA HIS B 108 11.23 -1.26 20.92
C HIS B 108 10.30 -1.74 22.04
N ILE B 109 9.15 -2.31 21.66
CA ILE B 109 8.12 -2.62 22.66
C ILE B 109 8.44 -3.89 23.45
N ALA B 110 9.26 -4.81 22.93
CA ALA B 110 9.46 -6.08 23.62
C ALA B 110 10.87 -6.64 23.54
N GLY B 111 11.78 -6.00 22.81
CA GLY B 111 13.13 -6.51 22.72
C GLY B 111 13.29 -7.69 21.79
N VAL B 112 12.29 -7.96 20.96
CA VAL B 112 12.32 -9.09 20.03
C VAL B 112 12.96 -8.62 18.73
N ASP B 113 13.91 -9.39 18.24
CA ASP B 113 14.61 -9.03 17.01
C ASP B 113 13.99 -9.72 15.81
N THR B 114 14.25 -9.16 14.64
CA THR B 114 13.71 -9.74 13.41
C THR B 114 14.84 -9.93 12.41
N PHE B 115 14.90 -11.12 11.82
CA PHE B 115 15.87 -11.44 10.79
C PHE B 115 15.12 -11.67 9.49
N PHE B 116 15.53 -11.00 8.44
CA PHE B 116 14.89 -11.14 7.13
C PHE B 116 15.75 -11.96 6.20
N VAL B 117 15.13 -12.80 5.39
CA VAL B 117 15.85 -13.56 4.39
C VAL B 117 15.29 -13.25 3.02
N ALA B 118 16.17 -13.09 2.04
CA ALA B 118 15.73 -12.84 0.67
C ALA B 118 15.08 -14.08 0.08
N THR B 119 13.96 -13.86 -0.60
CA THR B 119 13.27 -14.91 -1.33
C THR B 119 14.23 -15.66 -2.25
N ALA B 120 13.98 -16.95 -2.45
CA ALA B 120 14.62 -17.63 -3.56
C ALA B 120 14.13 -16.97 -4.85
N PRO B 121 15.00 -16.76 -5.83
CA PRO B 121 14.57 -16.04 -7.05
C PRO B 121 13.34 -16.62 -7.70
N ALA B 122 13.20 -17.95 -7.69
CA ALA B 122 12.08 -18.58 -8.38
C ALA B 122 10.73 -18.16 -7.82
N TYR B 123 10.67 -17.72 -6.56
CA TYR B 123 9.41 -17.41 -5.90
C TYR B 123 9.22 -15.94 -5.62
N SER B 124 10.01 -15.08 -6.23
CA SER B 124 9.92 -13.67 -5.93
C SER B 124 8.55 -13.10 -6.25
N PHE B 125 7.79 -13.76 -7.13
CA PHE B 125 6.52 -13.23 -7.58
C PHE B 125 5.32 -13.97 -6.99
N VAL B 126 5.51 -14.98 -6.18
CA VAL B 126 4.39 -15.73 -5.64
CA VAL B 126 4.38 -15.72 -5.65
C VAL B 126 3.97 -15.12 -4.31
N SER B 127 2.66 -15.02 -4.11
CA SER B 127 2.07 -14.68 -2.83
C SER B 127 0.81 -15.50 -2.70
N SER B 128 0.35 -15.65 -1.47
CA SER B 128 -0.89 -16.38 -1.22
C SER B 128 -2.06 -15.73 -1.95
N SER B 129 -2.15 -14.40 -1.85
CA SER B 129 -3.27 -13.67 -2.44
CA SER B 129 -3.28 -13.69 -2.44
C SER B 129 -3.27 -13.81 -3.96
N LEU B 130 -2.11 -13.64 -4.59
CA LEU B 130 -2.07 -13.71 -6.04
C LEU B 130 -2.28 -15.14 -6.54
N ALA B 131 -1.73 -16.13 -5.83
CA ALA B 131 -1.98 -17.52 -6.20
C ALA B 131 -3.46 -17.87 -6.13
N LYS B 132 -4.14 -17.44 -5.07
CA LYS B 132 -5.57 -17.69 -4.96
C LYS B 132 -6.34 -17.04 -6.09
N GLU B 133 -6.00 -15.78 -6.42
CA GLU B 133 -6.72 -15.06 -7.46
C GLU B 133 -6.54 -15.73 -8.82
N VAL B 134 -5.30 -16.07 -9.16
CA VAL B 134 -5.03 -16.75 -10.42
C VAL B 134 -5.78 -18.08 -10.49
N ALA B 135 -5.69 -18.87 -9.41
CA ALA B 135 -6.37 -20.16 -9.39
C ALA B 135 -7.87 -20.02 -9.53
N THR B 136 -8.44 -18.96 -8.96
CA THR B 136 -9.88 -18.77 -9.00
C THR B 136 -10.39 -18.68 -10.43
N TYR B 137 -9.61 -18.10 -11.33
CA TYR B 137 -9.98 -17.95 -12.74
C TYR B 137 -9.30 -18.97 -13.63
N GLY B 138 -8.88 -20.11 -13.10
CA GLY B 138 -8.44 -21.22 -13.91
C GLY B 138 -6.96 -21.26 -14.24
N GLY B 139 -6.18 -20.27 -13.81
CA GLY B 139 -4.74 -20.33 -14.03
C GLY B 139 -4.09 -21.44 -13.22
N ASP B 140 -2.97 -21.95 -13.74
CA ASP B 140 -2.29 -23.10 -13.17
C ASP B 140 -1.13 -22.61 -12.30
N VAL B 141 -1.31 -22.69 -10.98
CA VAL B 141 -0.31 -22.27 -10.01
C VAL B 141 0.33 -23.48 -9.32
N SER B 142 0.32 -24.64 -9.97
CA SER B 142 0.82 -25.87 -9.32
C SER B 142 2.31 -25.79 -9.04
N ALA B 143 3.08 -25.09 -9.86
CA ALA B 143 4.52 -24.99 -9.63
C ALA B 143 4.89 -24.01 -8.53
N LEU B 144 3.92 -23.31 -7.95
CA LEU B 144 4.19 -22.29 -6.94
C LEU B 144 3.75 -22.70 -5.55
N LEU B 145 3.08 -23.84 -5.40
CA LEU B 145 2.54 -24.28 -4.13
C LEU B 145 3.01 -25.70 -3.83
N PRO B 146 3.09 -26.07 -2.55
CA PRO B 146 3.40 -27.46 -2.23
C PRO B 146 2.36 -28.39 -2.85
N ALA B 147 2.78 -29.60 -3.18
CA ALA B 147 1.91 -30.54 -3.89
C ALA B 147 0.55 -30.68 -3.21
N SER B 148 0.55 -30.74 -1.89
CA SER B 148 -0.68 -31.02 -1.14
C SER B 148 -1.61 -29.82 -1.14
N VAL B 149 -1.06 -28.61 -1.02
CA VAL B 149 -1.89 -27.39 -1.09
C VAL B 149 -2.71 -27.37 -2.36
N HIS B 150 -2.09 -27.75 -3.49
CA HIS B 150 -2.76 -27.58 -4.78
C HIS B 150 -4.03 -28.41 -4.84
N GLN B 151 -3.97 -29.68 -4.45
CA GLN B 151 -5.16 -30.51 -4.41
C GLN B 151 -6.24 -29.90 -3.50
N ARG B 152 -5.84 -29.51 -2.28
CA ARG B 152 -6.79 -28.89 -1.37
C ARG B 152 -7.36 -27.59 -1.94
N LEU B 153 -6.57 -26.86 -2.74
CA LEU B 153 -7.01 -25.60 -3.30
C LEU B 153 -8.02 -25.81 -4.42
N LEU B 154 -7.81 -26.84 -5.25
CA LEU B 154 -8.81 -27.17 -6.27
C LEU B 154 -10.14 -27.56 -5.63
N GLY B 155 -10.09 -28.28 -4.51
CA GLY B 155 -11.32 -28.67 -3.85
C GLY B 155 -12.13 -27.51 -3.33
N LYS B 156 -11.47 -26.49 -2.78
CA LYS B 156 -12.16 -25.33 -2.26
C LYS B 156 -12.80 -24.49 -3.35
N LEU B 157 -12.29 -24.59 -4.55
CA LEU B 157 -12.82 -23.78 -5.65
C LEU B 157 -14.04 -24.40 -6.31
N ARG B 158 -14.12 -25.72 -6.35
CA ARG B 158 -15.26 -26.42 -6.96
C ARG B 158 -16.59 -26.02 -6.31
N MET C 2 2.69 -8.98 -37.93
CA MET C 2 1.46 -8.94 -37.15
C MET C 2 1.73 -8.85 -35.64
N THR C 3 2.39 -7.78 -35.22
CA THR C 3 2.67 -7.53 -33.81
C THR C 3 1.46 -6.90 -33.12
N GLY C 4 1.43 -6.99 -31.79
CA GLY C 4 0.28 -6.45 -31.10
C GLY C 4 0.46 -6.46 -29.59
N ALA C 5 -0.26 -5.54 -28.94
CA ALA C 5 -0.21 -5.49 -27.48
C ALA C 5 -1.54 -5.06 -26.90
N VAL C 6 -1.79 -5.46 -25.66
CA VAL C 6 -2.98 -5.08 -24.90
C VAL C 6 -2.56 -4.06 -23.84
N CYS C 7 -3.33 -2.98 -23.73
CA CYS C 7 -3.12 -1.96 -22.70
CA CYS C 7 -3.13 -1.96 -22.70
C CYS C 7 -4.28 -2.05 -21.71
N PRO C 8 -4.06 -2.60 -20.52
CA PRO C 8 -5.18 -2.85 -19.61
C PRO C 8 -5.35 -1.78 -18.55
N GLY C 9 -6.53 -1.72 -17.96
CA GLY C 9 -6.74 -0.88 -16.79
C GLY C 9 -8.22 -0.74 -16.50
N SER C 10 -8.51 -0.03 -15.41
CA SER C 10 -9.91 0.28 -15.13
C SER C 10 -10.37 1.53 -15.86
N PHE C 11 -9.47 2.51 -16.07
CA PHE C 11 -9.75 3.71 -16.85
C PHE C 11 -11.05 4.39 -16.41
N ASP C 12 -11.12 4.71 -15.14
CA ASP C 12 -12.29 5.32 -14.55
C ASP C 12 -12.12 6.74 -14.01
N PRO C 13 -11.94 7.76 -14.84
CA PRO C 13 -11.88 7.74 -16.29
C PRO C 13 -10.46 7.68 -16.81
N VAL C 14 -10.33 7.42 -18.11
CA VAL C 14 -9.05 7.57 -18.78
C VAL C 14 -8.53 8.99 -18.59
N THR C 15 -7.22 9.11 -18.35
CA THR C 15 -6.53 10.38 -18.22
C THR C 15 -5.60 10.60 -19.40
N LEU C 16 -5.03 11.81 -19.47
CA LEU C 16 -4.02 12.09 -20.50
C LEU C 16 -2.77 11.25 -20.30
N GLY C 17 -2.51 10.78 -19.08
CA GLY C 17 -1.42 9.84 -18.87
C GLY C 17 -1.66 8.50 -19.54
N HIS C 18 -2.90 7.98 -19.43
CA HIS C 18 -3.24 6.75 -20.16
C HIS C 18 -3.17 6.98 -21.65
N LEU C 19 -3.77 8.08 -22.13
CA LEU C 19 -3.79 8.34 -23.56
C LEU C 19 -2.39 8.44 -24.14
N ASP C 20 -1.44 8.98 -23.37
CA ASP C 20 -0.07 9.06 -23.85
C ASP C 20 0.51 7.66 -24.02
N VAL C 21 0.21 6.74 -23.10
CA VAL C 21 0.67 5.37 -23.23
C VAL C 21 0.03 4.69 -24.45
N PHE C 22 -1.28 4.92 -24.65
CA PHE C 22 -1.96 4.35 -25.81
C PHE C 22 -1.27 4.75 -27.11
N GLU C 23 -1.00 6.06 -27.26
CA GLU C 23 -0.40 6.57 -28.49
C GLU C 23 0.99 6.01 -28.69
N ARG C 24 1.73 5.80 -27.59
CA ARG C 24 3.07 5.24 -27.70
CA ARG C 24 3.07 5.26 -27.73
C ARG C 24 3.03 3.78 -28.05
N ALA C 25 2.09 3.02 -27.46
CA ALA C 25 1.95 1.62 -27.84
C ALA C 25 1.52 1.52 -29.30
N ALA C 26 0.56 2.35 -29.70
CA ALA C 26 0.05 2.31 -31.08
C ALA C 26 1.14 2.64 -32.10
N ALA C 27 2.14 3.42 -31.70
CA ALA C 27 3.23 3.78 -32.61
C ALA C 27 4.27 2.68 -32.75
N GLN C 28 4.28 1.67 -31.88
CA GLN C 28 5.33 0.65 -31.91
C GLN C 28 4.81 -0.75 -32.18
N PHE C 29 3.49 -0.96 -32.24
CA PHE C 29 2.89 -2.27 -32.47
C PHE C 29 1.80 -2.12 -33.52
N ASP C 30 1.66 -3.13 -34.38
CA ASP C 30 0.70 -3.02 -35.49
C ASP C 30 -0.74 -2.91 -34.99
N GLU C 31 -1.05 -3.57 -33.87
CA GLU C 31 -2.39 -3.66 -33.32
C GLU C 31 -2.33 -3.37 -31.83
N VAL C 32 -3.22 -2.52 -31.32
CA VAL C 32 -3.33 -2.28 -29.89
C VAL C 32 -4.78 -2.46 -29.47
N ILE C 33 -5.00 -3.24 -28.42
CA ILE C 33 -6.31 -3.38 -27.82
C ILE C 33 -6.26 -2.77 -26.42
N VAL C 34 -7.13 -1.82 -26.16
CA VAL C 34 -7.31 -1.31 -24.81
C VAL C 34 -8.34 -2.20 -24.13
N ALA C 35 -7.94 -2.80 -23.00
CA ALA C 35 -8.80 -3.70 -22.24
C ALA C 35 -9.33 -2.95 -21.02
N VAL C 36 -10.62 -2.66 -21.03
CA VAL C 36 -11.27 -2.00 -19.90
C VAL C 36 -11.76 -3.11 -18.97
N LEU C 37 -11.14 -3.20 -17.81
CA LEU C 37 -11.37 -4.33 -16.92
C LEU C 37 -12.48 -4.00 -15.93
N ILE C 38 -13.60 -4.71 -16.04
CA ILE C 38 -14.71 -4.56 -15.11
C ILE C 38 -14.39 -5.35 -13.85
N ASN C 39 -14.32 -4.68 -12.71
CA ASN C 39 -13.80 -5.26 -11.48
C ASN C 39 -14.92 -5.68 -10.53
N PRO C 40 -16.18 -5.76 -11.01
CA PRO C 40 -17.48 -6.13 -10.42
C PRO C 40 -17.42 -6.55 -8.96
N ALA C 43 -16.58 -1.02 -7.49
CA ALA C 43 -17.51 0.10 -7.56
C ALA C 43 -16.80 1.38 -7.99
N GLY C 44 -17.15 1.89 -9.17
CA GLY C 44 -16.50 3.07 -9.70
C GLY C 44 -17.45 4.19 -10.06
N MET C 45 -16.94 5.21 -10.75
CA MET C 45 -17.74 6.35 -11.12
C MET C 45 -18.48 6.15 -12.43
N PHE C 46 -17.80 5.60 -13.45
CA PHE C 46 -18.38 5.44 -14.78
C PHE C 46 -18.68 3.97 -15.05
N THR C 47 -19.71 3.72 -15.85
CA THR C 47 -19.98 2.36 -16.30
C THR C 47 -18.95 1.94 -17.35
N VAL C 48 -18.86 0.62 -17.55
CA VAL C 48 -17.93 0.09 -18.55
C VAL C 48 -18.19 0.72 -19.91
N ASP C 49 -19.46 0.80 -20.31
CA ASP C 49 -19.79 1.37 -21.61
C ASP C 49 -19.33 2.83 -21.70
N GLU C 50 -19.55 3.60 -20.63
CA GLU C 50 -19.11 4.98 -20.64
C GLU C 50 -17.59 5.09 -20.70
N ARG C 51 -16.89 4.24 -19.95
CA ARG C 51 -15.43 4.23 -20.00
C ARG C 51 -14.94 3.89 -21.39
N ILE C 52 -15.54 2.87 -22.02
CA ILE C 52 -15.18 2.53 -23.40
C ILE C 52 -15.44 3.71 -24.33
N GLU C 53 -16.60 4.36 -24.15
CA GLU C 53 -16.96 5.51 -24.98
C GLU C 53 -15.90 6.60 -24.90
N MET C 54 -15.48 6.95 -23.68
CA MET C 54 -14.56 8.06 -23.51
C MET C 54 -13.20 7.75 -24.14
N ILE C 55 -12.77 6.48 -24.07
CA ILE C 55 -11.50 6.11 -24.68
C ILE C 55 -11.60 6.15 -26.20
N ARG C 56 -12.69 5.61 -26.75
CA ARG C 56 -12.88 5.66 -28.19
C ARG C 56 -12.89 7.11 -28.69
N GLU C 57 -13.58 8.00 -27.97
CA GLU C 57 -13.59 9.41 -28.38
C GLU C 57 -12.19 10.00 -28.39
N SER C 58 -11.35 9.64 -27.41
CA SER C 58 -10.03 10.23 -27.27
C SER C 58 -8.96 9.56 -28.14
N THR C 59 -9.26 8.39 -28.71
CA THR C 59 -8.31 7.68 -29.54
C THR C 59 -8.74 7.62 -31.01
N ALA C 60 -9.44 8.66 -31.48
CA ALA C 60 -9.91 8.63 -32.85
C ALA C 60 -8.78 8.77 -33.85
N ASP C 61 -7.68 9.44 -33.46
CA ASP C 61 -6.53 9.61 -34.33
C ASP C 61 -5.65 8.36 -34.41
N LEU C 62 -5.99 7.29 -33.69
CA LEU C 62 -5.16 6.09 -33.68
C LEU C 62 -5.87 4.98 -34.43
N PRO C 63 -5.56 4.76 -35.71
CA PRO C 63 -6.34 3.80 -36.51
C PRO C 63 -6.11 2.35 -36.16
N ASN C 64 -4.98 2.01 -35.52
CA ASN C 64 -4.67 0.61 -35.21
C ASN C 64 -5.02 0.24 -33.77
N LEU C 65 -5.89 1.01 -33.12
CA LEU C 65 -6.28 0.78 -31.73
C LEU C 65 -7.77 0.52 -31.64
N ARG C 66 -8.15 -0.49 -30.85
CA ARG C 66 -9.54 -0.70 -30.52
C ARG C 66 -9.69 -0.90 -29.01
N VAL C 67 -10.93 -0.82 -28.55
CA VAL C 67 -11.27 -0.79 -27.13
C VAL C 67 -12.32 -1.85 -26.86
N GLU C 68 -12.06 -2.72 -25.88
CA GLU C 68 -12.98 -3.79 -25.52
C GLU C 68 -13.00 -3.95 -24.01
N SER C 69 -14.13 -4.40 -23.49
CA SER C 69 -14.21 -4.75 -22.08
C SER C 69 -13.74 -6.19 -21.88
N GLY C 70 -13.39 -6.51 -20.63
CA GLY C 70 -12.98 -7.87 -20.32
C GLY C 70 -13.18 -8.18 -18.86
N GLN C 71 -13.27 -9.48 -18.57
CA GLN C 71 -13.35 -10.00 -17.21
C GLN C 71 -12.37 -11.15 -17.07
N GLY C 72 -12.15 -11.57 -15.83
CA GLY C 72 -11.29 -12.71 -15.61
C GLY C 72 -9.82 -12.35 -15.78
N LEU C 73 -9.01 -13.39 -15.97
CA LEU C 73 -7.57 -13.23 -16.09
C LEU C 73 -7.22 -12.40 -17.32
N LEU C 74 -6.40 -11.37 -17.11
CA LEU C 74 -5.91 -10.59 -18.23
C LEU C 74 -5.19 -11.46 -19.26
N VAL C 75 -4.46 -12.49 -18.80
CA VAL C 75 -3.72 -13.27 -19.79
C VAL C 75 -4.67 -14.03 -20.71
N ASP C 76 -5.85 -14.43 -20.21
CA ASP C 76 -6.81 -15.07 -21.09
C ASP C 76 -7.37 -14.09 -22.10
N PHE C 77 -7.67 -12.86 -21.66
CA PHE C 77 -8.07 -11.81 -22.59
C PHE C 77 -7.03 -11.64 -23.68
N VAL C 78 -5.75 -11.61 -23.31
CA VAL C 78 -4.70 -11.35 -24.28
C VAL C 78 -4.60 -12.52 -25.26
N ARG C 79 -4.53 -13.74 -24.73
CA ARG C 79 -4.25 -14.90 -25.57
C ARG C 79 -5.44 -15.28 -26.44
N GLU C 80 -6.67 -15.03 -25.97
CA GLU C 80 -7.85 -15.30 -26.80
C GLU C 80 -7.94 -14.36 -27.99
N ARG C 81 -7.12 -13.31 -28.03
CA ARG C 81 -7.05 -12.41 -29.18
C ARG C 81 -5.80 -12.62 -30.00
N GLY C 82 -5.06 -13.70 -29.75
CA GLY C 82 -3.89 -14.02 -30.53
C GLY C 82 -2.64 -13.26 -30.17
N LEU C 83 -2.63 -12.55 -29.06
CA LEU C 83 -1.48 -11.74 -28.68
C LEU C 83 -0.78 -12.37 -27.50
N ASN C 84 0.39 -11.84 -27.16
CA ASN C 84 1.05 -12.27 -25.92
C ASN C 84 1.93 -11.17 -25.37
N ALA C 85 1.49 -9.93 -25.46
CA ALA C 85 2.22 -8.81 -24.87
C ALA C 85 1.23 -7.84 -24.25
N ILE C 86 1.63 -7.25 -23.14
CA ILE C 86 0.87 -6.24 -22.42
C ILE C 86 1.78 -5.01 -22.37
N VAL C 87 1.19 -3.82 -22.52
CA VAL C 87 1.93 -2.58 -22.42
C VAL C 87 1.29 -1.77 -21.30
N LYS C 88 2.09 -1.30 -20.36
CA LYS C 88 1.60 -0.58 -19.21
C LYS C 88 2.49 0.58 -18.84
N GLY C 89 1.89 1.66 -18.42
CA GLY C 89 2.62 2.83 -18.00
C GLY C 89 3.07 2.79 -16.54
N LEU C 90 4.21 3.36 -16.25
CA LEU C 90 4.77 3.36 -14.90
C LEU C 90 5.22 4.74 -14.50
N ARG C 91 4.96 5.11 -13.26
CA ARG C 91 5.37 6.37 -12.74
C ARG C 91 6.55 6.30 -11.77
N THR C 92 6.57 5.30 -10.92
CA THR C 92 7.54 5.26 -9.84
C THR C 92 8.17 3.87 -9.76
N GLY C 93 9.28 3.80 -9.02
CA GLY C 93 9.87 2.51 -8.74
C GLY C 93 8.96 1.60 -7.92
N THR C 94 8.13 2.25 -7.24
CA THR C 94 7.14 1.57 -6.40
C THR C 94 6.12 0.91 -7.34
N ASP C 95 5.63 1.57 -8.28
CA ASP C 95 4.83 1.01 -9.36
C ASP C 95 5.53 -0.18 -9.98
N PHE C 96 6.81 -0.05 -10.25
CA PHE C 96 7.51 -1.13 -10.90
C PHE C 96 7.49 -2.43 -10.09
N GLU C 97 7.75 -2.34 -8.79
CA GLU C 97 7.78 -3.51 -7.92
C GLU C 97 6.46 -4.26 -7.84
N TYR C 98 5.38 -3.55 -7.76
CA TYR C 98 4.07 -4.17 -7.69
C TYR C 98 3.74 -4.82 -9.03
N GLU C 99 3.97 -4.06 -10.07
CA GLU C 99 3.69 -4.55 -11.41
C GLU C 99 4.64 -5.65 -11.83
N LEU C 100 5.87 -5.65 -11.30
CA LEU C 100 6.80 -6.71 -11.64
C LEU C 100 6.27 -8.05 -11.18
N GLN C 101 5.67 -8.09 -9.99
CA GLN C 101 5.12 -9.35 -9.48
C GLN C 101 4.05 -9.88 -10.43
N MET C 102 3.13 -9.02 -10.84
CA MET C 102 2.10 -9.46 -11.77
C MET C 102 2.67 -9.81 -13.13
N ALA C 103 3.72 -9.09 -13.57
CA ALA C 103 4.29 -9.39 -14.88
C ALA C 103 4.97 -10.75 -14.88
N GLN C 104 5.71 -11.06 -13.81
CA GLN C 104 6.34 -12.37 -13.77
C GLN C 104 5.31 -13.48 -13.62
N MET C 105 4.26 -13.25 -12.83
CA MET C 105 3.20 -14.26 -12.73
C MET C 105 2.55 -14.50 -14.08
N ASN C 106 2.28 -13.42 -14.83
CA ASN C 106 1.59 -13.55 -16.10
C ASN C 106 2.44 -14.29 -17.12
N LYS C 107 3.75 -14.04 -17.09
CA LYS C 107 4.67 -14.77 -17.96
C LYS C 107 4.70 -16.24 -17.57
N HIS C 108 4.69 -16.52 -16.26
CA HIS C 108 4.73 -17.89 -15.78
C HIS C 108 3.50 -18.67 -16.20
N ILE C 109 2.31 -18.10 -16.00
CA ILE C 109 1.10 -18.91 -16.18
C ILE C 109 0.68 -19.00 -17.64
N ALA C 110 1.12 -18.07 -18.49
CA ALA C 110 0.58 -18.02 -19.84
C ALA C 110 1.57 -17.57 -20.90
N GLY C 111 2.83 -17.30 -20.56
CA GLY C 111 3.79 -16.91 -21.55
C GLY C 111 3.59 -15.52 -22.10
N VAL C 112 2.75 -14.70 -21.46
CA VAL C 112 2.47 -13.34 -21.91
C VAL C 112 3.53 -12.40 -21.35
N ASP C 113 4.16 -11.63 -22.23
CA ASP C 113 5.18 -10.65 -21.87
C ASP C 113 4.53 -9.33 -21.45
N THR C 114 5.26 -8.53 -20.65
CA THR C 114 4.79 -7.19 -20.28
C THR C 114 5.88 -6.18 -20.56
N PHE C 115 5.54 -5.10 -21.27
CA PHE C 115 6.45 -4.01 -21.56
C PHE C 115 5.95 -2.77 -20.85
N PHE C 116 6.83 -2.16 -20.07
CA PHE C 116 6.49 -0.96 -19.32
C PHE C 116 7.06 0.27 -20.00
N VAL C 117 6.32 1.37 -19.96
CA VAL C 117 6.82 2.64 -20.48
C VAL C 117 6.76 3.68 -19.38
N ALA C 118 7.79 4.51 -19.32
CA ALA C 118 7.83 5.59 -18.36
C ALA C 118 6.79 6.65 -18.70
N THR C 119 6.08 7.10 -17.67
CA THR C 119 5.13 8.17 -17.80
C THR C 119 5.77 9.39 -18.46
N ALA C 120 4.98 10.14 -19.21
CA ALA C 120 5.44 11.46 -19.65
C ALA C 120 5.65 12.33 -18.40
N PRO C 121 6.71 13.15 -18.36
CA PRO C 121 6.97 13.92 -17.13
C PRO C 121 5.79 14.75 -16.69
N ALA C 122 5.05 15.34 -17.65
CA ALA C 122 3.94 16.24 -17.33
C ALA C 122 2.81 15.57 -16.59
N TYR C 123 2.70 14.24 -16.69
CA TYR C 123 1.60 13.50 -16.09
C TYR C 123 2.06 12.62 -14.94
N SER C 124 3.24 12.89 -14.40
CA SER C 124 3.76 12.02 -13.34
C SER C 124 2.83 11.96 -12.13
N PHE C 125 2.01 13.00 -11.92
CA PHE C 125 1.18 13.10 -10.72
C PHE C 125 -0.29 12.80 -10.95
N VAL C 126 -0.71 12.47 -12.15
CA VAL C 126 -2.13 12.29 -12.44
CA VAL C 126 -2.14 12.30 -12.42
C VAL C 126 -2.48 10.82 -12.33
N SER C 127 -3.58 10.54 -11.66
CA SER C 127 -4.19 9.22 -11.58
C SER C 127 -5.69 9.43 -11.65
N SER C 128 -6.43 8.40 -12.05
CA SER C 128 -7.88 8.53 -12.12
C SER C 128 -8.45 8.88 -10.76
N SER C 129 -7.93 8.26 -9.71
CA SER C 129 -8.50 8.46 -8.38
CA SER C 129 -8.50 8.46 -8.37
C SER C 129 -8.20 9.87 -7.87
N LEU C 130 -6.96 10.35 -8.02
CA LEU C 130 -6.67 11.69 -7.53
C LEU C 130 -7.41 12.74 -8.34
N ALA C 131 -7.57 12.53 -9.65
CA ALA C 131 -8.30 13.50 -10.45
C ALA C 131 -9.77 13.58 -10.03
N LYS C 132 -10.38 12.44 -9.73
CA LYS C 132 -11.76 12.44 -9.27
C LYS C 132 -11.89 13.09 -7.90
N GLU C 133 -10.97 12.79 -6.98
CA GLU C 133 -10.98 13.39 -5.65
C GLU C 133 -10.87 14.91 -5.72
N VAL C 134 -9.89 15.42 -6.47
CA VAL C 134 -9.71 16.86 -6.57
C VAL C 134 -10.93 17.51 -7.21
N ALA C 135 -11.44 16.92 -8.30
CA ALA C 135 -12.59 17.50 -8.99
C ALA C 135 -13.82 17.53 -8.08
N THR C 136 -13.98 16.48 -7.26
CA THR C 136 -15.10 16.40 -6.35
C THR C 136 -15.13 17.58 -5.38
N TYR C 137 -13.96 18.02 -4.93
CA TYR C 137 -13.86 19.14 -4.01
C TYR C 137 -13.65 20.47 -4.71
N GLY C 138 -13.83 20.53 -6.02
CA GLY C 138 -13.84 21.78 -6.74
C GLY C 138 -12.56 22.19 -7.43
N GLY C 139 -11.53 21.34 -7.42
CA GLY C 139 -10.28 21.70 -8.09
C GLY C 139 -10.35 21.48 -9.59
N ASP C 140 -9.55 22.26 -10.31
CA ASP C 140 -9.56 22.27 -11.78
C ASP C 140 -8.59 21.22 -12.31
N VAL C 141 -9.13 20.15 -12.91
CA VAL C 141 -8.30 19.07 -13.46
C VAL C 141 -8.35 19.05 -14.98
N SER C 142 -8.81 20.13 -15.60
CA SER C 142 -9.07 20.12 -17.05
C SER C 142 -7.80 19.91 -17.85
N ALA C 143 -6.64 20.30 -17.31
CA ALA C 143 -5.38 20.10 -18.02
C ALA C 143 -4.85 18.67 -17.93
N LEU C 144 -5.55 17.78 -17.20
CA LEU C 144 -5.07 16.44 -16.93
C LEU C 144 -5.89 15.36 -17.62
N LEU C 145 -7.02 15.71 -18.22
CA LEU C 145 -8.00 14.80 -18.78
C LEU C 145 -8.31 15.20 -20.21
N PRO C 146 -8.65 14.24 -21.07
CA PRO C 146 -9.11 14.59 -22.42
C PRO C 146 -10.33 15.49 -22.34
N ALA C 147 -10.43 16.41 -23.31
CA ALA C 147 -11.48 17.42 -23.27
C ALA C 147 -12.87 16.79 -23.12
N SER C 148 -13.12 15.70 -23.83
CA SER C 148 -14.40 15.01 -23.71
C SER C 148 -14.62 14.50 -22.30
N VAL C 149 -13.63 13.77 -21.76
CA VAL C 149 -13.75 13.20 -20.43
C VAL C 149 -14.08 14.27 -19.39
N HIS C 150 -13.40 15.41 -19.48
CA HIS C 150 -13.57 16.49 -18.51
C HIS C 150 -15.04 16.92 -18.42
N GLN C 151 -15.67 17.17 -19.57
CA GLN C 151 -17.08 17.54 -19.52
C GLN C 151 -17.93 16.44 -18.93
N ARG C 152 -17.64 15.18 -19.29
CA ARG C 152 -18.42 14.06 -18.76
C ARG C 152 -18.24 13.91 -17.26
N LEU C 153 -17.06 14.24 -16.74
CA LEU C 153 -16.83 14.15 -15.30
C LEU C 153 -17.63 15.22 -14.55
N LEU C 154 -17.62 16.46 -15.06
CA LEU C 154 -18.44 17.50 -14.45
C LEU C 154 -19.90 17.07 -14.35
N GLY C 155 -20.42 16.47 -15.42
CA GLY C 155 -21.80 16.01 -15.39
C GLY C 155 -22.08 15.04 -14.25
N LYS C 156 -21.16 14.09 -14.03
CA LYS C 156 -21.36 13.12 -12.96
C LYS C 156 -21.44 13.82 -11.60
N LEU C 157 -20.68 14.89 -11.43
CA LEU C 157 -20.65 15.57 -10.14
C LEU C 157 -21.88 16.44 -9.95
N ARG C 158 -22.20 17.27 -10.93
CA ARG C 158 -23.38 18.12 -10.87
C ARG C 158 -24.64 17.32 -11.17
#